data_3TBH
#
_entry.id   3TBH
#
_cell.length_a   115.217
_cell.length_b   62.440
_cell.length_c   43.538
_cell.angle_alpha   90.000
_cell.angle_beta   90.000
_cell.angle_gamma   90.000
#
_symmetry.space_group_name_H-M   'P 21 21 2'
#
loop_
_entity.id
_entity.type
_entity.pdbx_description
1 polymer 'O-acetyl serine sulfhydrylase'
2 polymer 'Serine acetyl transferase derived octapeptide'
3 non-polymer 'SODIUM ION'
4 water water
#
loop_
_entity_poly.entity_id
_entity_poly.type
_entity_poly.pdbx_seq_one_letter_code
_entity_poly.pdbx_strand_id
1 'polypeptide(L)'
;MAAPFDKSKNVAQSIDQLIGQTPALYLNKLNNTKAKVVLKMECENPMASV(LLP)DRLGFAIYDKAEKEGKLIPGKSIVV
ESSSGNTGVSLAHLGAIRGYKVIITMPESMSLERRCLLRIFGAEVILTPAALGMKGAVAMAKKIVAANPNAVLADQFATK
YNALIHEETTGPEIWEQTNHNVDCFIAGVGTGGTLTGVARALKKMGSHARIVAVEPTESPVLSGGKPGPHKIQGIGPGFV
PDVLDRSLIDEVLCVAGDDAIETALKLTRSDGVFCGFSGGANVYAALKIAERPEMEGKTIVTVIPSFGERYLSTTLYRSV
RDEVSSLPVALEHHHHHH
;
A
2 'polypeptide(L)' LERDGSGI B
#
# COMPACT_ATOMS: atom_id res chain seq x y z
N ALA A 2 -7.30 -12.36 -12.32
CA ALA A 2 -8.13 -12.04 -11.08
C ALA A 2 -9.39 -12.86 -10.97
N ALA A 3 -9.68 -13.70 -11.96
CA ALA A 3 -10.73 -14.68 -11.71
C ALA A 3 -10.19 -15.51 -10.51
N PRO A 4 -11.04 -15.89 -9.51
CA PRO A 4 -10.41 -16.79 -8.48
C PRO A 4 -9.53 -17.96 -9.08
N PHE A 5 -8.24 -18.01 -8.70
CA PHE A 5 -7.22 -18.98 -9.25
C PHE A 5 -6.72 -19.76 -8.10
N ASP A 6 -6.78 -21.06 -8.29
CA ASP A 6 -6.64 -21.91 -7.20
C ASP A 6 -5.16 -22.29 -6.96
N LYS A 7 -4.52 -21.57 -6.04
CA LYS A 7 -3.02 -21.52 -5.95
C LYS A 7 -2.52 -22.67 -5.16
N SER A 8 -3.20 -23.05 -4.06
CA SER A 8 -2.65 -24.11 -3.19
C SER A 8 -2.83 -25.41 -3.94
N LYS A 9 -3.73 -25.38 -4.90
CA LYS A 9 -4.04 -26.53 -5.70
C LYS A 9 -3.66 -26.64 -7.27
N ASN A 10 -3.10 -25.61 -8.01
CA ASN A 10 -2.82 -25.59 -9.45
CA ASN A 10 -2.68 -25.77 -9.51
C ASN A 10 -1.34 -25.07 -9.67
N VAL A 11 -0.77 -25.09 -10.89
CA VAL A 11 0.58 -24.49 -11.19
C VAL A 11 0.38 -23.23 -12.01
N ALA A 12 0.79 -22.10 -11.47
CA ALA A 12 0.75 -20.85 -12.25
C ALA A 12 1.62 -20.82 -13.46
N GLN A 13 1.17 -20.05 -14.53
CA GLN A 13 1.95 -19.84 -15.74
C GLN A 13 2.86 -18.65 -15.55
N SER A 14 2.47 -17.74 -14.63
CA SER A 14 3.40 -16.59 -14.39
C SER A 14 3.19 -16.06 -12.99
N ILE A 15 4.25 -15.46 -12.47
CA ILE A 15 4.22 -15.02 -11.04
C ILE A 15 3.18 -13.95 -10.77
N ASP A 16 2.75 -13.25 -11.84
CA ASP A 16 1.72 -12.32 -11.58
C ASP A 16 0.33 -12.96 -11.18
N GLN A 17 0.12 -14.26 -11.48
CA GLN A 17 -1.04 -14.97 -10.98
C GLN A 17 -1.01 -15.23 -9.50
N LEU A 18 0.15 -14.98 -8.82
CA LEU A 18 0.24 -15.20 -7.41
C LEU A 18 -0.02 -13.90 -6.65
N ILE A 19 -0.30 -12.80 -7.38
CA ILE A 19 -0.65 -11.50 -6.70
C ILE A 19 -2.06 -11.54 -6.17
N GLY A 20 -2.27 -10.88 -5.06
CA GLY A 20 -3.62 -10.86 -4.43
C GLY A 20 -4.02 -12.27 -3.92
N GLN A 21 -5.33 -12.49 -3.68
CA GLN A 21 -5.78 -13.69 -3.03
C GLN A 21 -4.87 -13.99 -1.77
N THR A 22 -4.75 -12.95 -0.94
CA THR A 22 -3.85 -13.02 0.22
C THR A 22 -4.67 -13.53 1.43
N PRO A 23 -3.98 -14.03 2.45
CA PRO A 23 -4.69 -14.54 3.65
C PRO A 23 -5.21 -13.41 4.50
N ALA A 24 -6.08 -13.80 5.44
CA ALA A 24 -6.60 -12.94 6.45
C ALA A 24 -6.41 -13.62 7.79
N LEU A 25 -6.10 -12.81 8.84
CA LEU A 25 -5.63 -13.37 10.12
C LEU A 25 -6.24 -12.56 11.26
N TYR A 26 -6.78 -13.27 12.25
CA TYR A 26 -7.27 -12.53 13.40
C TYR A 26 -6.11 -12.10 14.23
N LEU A 27 -6.24 -10.87 14.74
CA LEU A 27 -5.27 -10.40 15.72
C LEU A 27 -5.61 -11.12 17.06
N ASN A 28 -4.59 -11.61 17.75
CA ASN A 28 -4.88 -12.55 18.90
C ASN A 28 -4.34 -11.95 20.11
N LYS A 29 -3.08 -12.24 20.47
CA LYS A 29 -2.60 -11.77 21.74
C LYS A 29 -2.69 -10.29 21.89
N LEU A 30 -2.45 -9.51 20.83
CA LEU A 30 -2.41 -8.10 20.97
C LEU A 30 -3.80 -7.52 21.15
N ASN A 31 -4.83 -8.28 20.79
CA ASN A 31 -6.22 -7.78 20.97
C ASN A 31 -6.85 -8.12 22.29
N ASN A 32 -6.85 -7.13 23.16
CA ASN A 32 -7.41 -7.33 24.49
C ASN A 32 -8.86 -6.86 24.61
N THR A 33 -9.52 -6.60 23.48
CA THR A 33 -10.85 -6.01 23.49
C THR A 33 -11.91 -7.04 23.25
N LYS A 34 -13.16 -6.61 23.24
CA LYS A 34 -14.27 -7.49 22.95
C LYS A 34 -14.75 -7.51 21.48
N ALA A 35 -13.94 -6.83 20.64
CA ALA A 35 -14.26 -6.78 19.20
C ALA A 35 -13.28 -7.77 18.52
N LYS A 36 -13.62 -8.20 17.30
CA LYS A 36 -12.75 -9.09 16.50
C LYS A 36 -11.95 -8.15 15.61
N VAL A 37 -10.67 -8.44 15.39
CA VAL A 37 -9.87 -7.57 14.49
C VAL A 37 -9.25 -8.52 13.48
N VAL A 38 -9.54 -8.29 12.22
CA VAL A 38 -9.06 -9.13 11.12
C VAL A 38 -8.01 -8.38 10.37
N LEU A 39 -6.84 -9.03 10.11
CA LEU A 39 -5.79 -8.39 9.34
C LEU A 39 -5.78 -8.98 7.95
N LYS A 40 -5.90 -8.09 6.94
CA LYS A 40 -5.79 -8.57 5.56
C LYS A 40 -4.27 -8.48 5.19
N MET A 41 -3.68 -9.64 4.94
CA MET A 41 -2.19 -9.78 4.95
C MET A 41 -1.51 -9.48 3.58
N GLU A 42 -1.60 -8.22 3.20
CA GLU A 42 -1.08 -7.80 1.89
C GLU A 42 0.47 -7.87 1.90
N CYS A 43 1.03 -8.06 3.08
CA CYS A 43 2.48 -8.42 3.13
C CYS A 43 2.82 -9.70 2.49
N GLU A 44 1.81 -10.57 2.23
CA GLU A 44 2.09 -11.87 1.64
C GLU A 44 2.06 -11.96 0.14
N ASN A 45 1.85 -10.82 -0.53
CA ASN A 45 1.99 -10.73 -2.00
C ASN A 45 3.43 -11.12 -2.45
N PRO A 46 3.57 -11.52 -3.69
CA PRO A 46 4.86 -12.00 -4.17
C PRO A 46 6.04 -11.08 -3.97
N MET A 47 5.85 -9.76 -4.13
CA MET A 47 6.97 -8.86 -3.82
C MET A 47 6.60 -8.06 -2.52
N ALA A 48 5.87 -8.72 -1.60
CA ALA A 48 5.81 -8.37 -0.19
C ALA A 48 5.10 -7.07 0.11
N SER A 49 4.24 -6.55 -0.80
CA SER A 49 3.35 -5.47 -0.36
C SER A 49 2.15 -5.37 -1.24
N VAL A 50 1.21 -4.57 -0.74
CA VAL A 50 -0.06 -4.32 -1.45
C VAL A 50 0.19 -3.75 -2.85
N ASP A 52 1.78 -4.68 -5.19
CA ASP A 52 1.79 -5.67 -6.25
C ASP A 52 0.42 -5.63 -7.01
N ARG A 53 -0.67 -5.34 -6.27
CA ARG A 53 -1.97 -5.31 -6.93
C ARG A 53 -2.02 -4.16 -7.89
N LEU A 54 -1.58 -3.00 -7.39
CA LEU A 54 -1.53 -1.77 -8.30
C LEU A 54 -0.62 -1.96 -9.50
N GLY A 55 0.56 -2.51 -9.29
CA GLY A 55 1.47 -2.81 -10.41
C GLY A 55 0.85 -3.68 -11.45
N PHE A 56 0.25 -4.77 -11.01
CA PHE A 56 -0.36 -5.66 -11.97
C PHE A 56 -1.51 -4.93 -12.72
N ALA A 57 -2.31 -4.20 -11.97
CA ALA A 57 -3.51 -3.54 -12.61
C ALA A 57 -2.99 -2.56 -13.67
N ILE A 58 -1.90 -1.84 -13.39
CA ILE A 58 -1.36 -0.85 -14.39
C ILE A 58 -0.90 -1.59 -15.64
N TYR A 59 -0.08 -2.63 -15.49
CA TYR A 59 0.40 -3.35 -16.69
C TYR A 59 -0.76 -4.00 -17.42
N ASP A 60 -1.58 -4.76 -16.70
CA ASP A 60 -2.63 -5.59 -17.32
C ASP A 60 -3.68 -4.73 -18.03
N LYS A 61 -4.17 -3.76 -17.30
CA LYS A 61 -5.27 -2.91 -17.81
C LYS A 61 -4.78 -1.95 -18.87
N ALA A 62 -3.55 -1.39 -18.73
CA ALA A 62 -3.08 -0.39 -19.69
C ALA A 62 -2.73 -1.16 -20.94
N GLU A 63 -2.25 -2.40 -20.82
CA GLU A 63 -1.94 -3.16 -22.04
C GLU A 63 -3.19 -3.47 -22.80
N LYS A 64 -4.23 -3.89 -22.09
CA LYS A 64 -5.48 -4.28 -22.69
C LYS A 64 -6.17 -3.09 -23.34
N GLU A 65 -6.02 -1.91 -22.78
CA GLU A 65 -6.55 -0.72 -23.43
C GLU A 65 -5.73 -0.26 -24.61
N GLY A 66 -4.55 -0.82 -24.86
CA GLY A 66 -3.72 -0.35 -25.94
C GLY A 66 -2.75 0.78 -25.56
N LYS A 67 -2.72 1.20 -24.29
CA LYS A 67 -1.82 2.28 -23.88
C LYS A 67 -0.37 1.87 -23.64
N LEU A 68 -0.18 0.63 -23.20
CA LEU A 68 1.15 0.12 -23.03
C LEU A 68 1.39 -0.92 -24.09
N ILE A 69 2.56 -0.80 -24.73
CA ILE A 69 3.02 -1.75 -25.81
C ILE A 69 4.37 -2.31 -25.39
N PRO A 70 4.48 -3.64 -25.14
CA PRO A 70 5.75 -4.14 -24.60
C PRO A 70 6.85 -3.92 -25.63
N GLY A 71 8.05 -3.58 -25.15
CA GLY A 71 9.17 -3.40 -26.03
C GLY A 71 9.20 -1.99 -26.54
N LYS A 72 8.14 -1.22 -26.32
CA LYS A 72 8.12 0.15 -26.84
C LYS A 72 7.85 1.19 -25.72
N SER A 73 6.75 0.97 -25.02
CA SER A 73 6.42 1.88 -23.86
C SER A 73 7.45 1.78 -22.79
N ILE A 74 7.69 2.95 -22.17
CA ILE A 74 8.64 3.01 -21.11
C ILE A 74 7.79 3.47 -19.88
N VAL A 75 7.85 2.74 -18.76
CA VAL A 75 7.00 3.14 -17.63
C VAL A 75 7.82 3.95 -16.64
N VAL A 76 7.35 5.12 -16.25
CA VAL A 76 8.17 5.98 -15.41
C VAL A 76 7.42 6.27 -14.15
N GLU A 77 8.10 6.30 -13.02
CA GLU A 77 7.41 6.78 -11.82
C GLU A 77 8.44 7.32 -10.82
N SER A 78 7.96 8.28 -9.96
CA SER A 78 8.85 8.71 -8.93
C SER A 78 8.37 7.97 -7.68
N SER A 79 9.25 7.19 -7.06
CA SER A 79 8.88 6.40 -5.87
C SER A 79 10.10 5.99 -5.13
N SER A 80 10.13 6.27 -3.83
CA SER A 80 11.17 5.70 -2.94
C SER A 80 10.52 4.60 -2.17
N GLY A 81 9.31 4.22 -2.58
CA GLY A 81 8.76 3.04 -1.83
C GLY A 81 8.27 1.89 -2.72
N ASN A 82 7.16 1.26 -2.25
CA ASN A 82 6.83 -0.04 -2.83
C ASN A 82 6.26 0.04 -4.20
N THR A 83 5.64 1.16 -4.58
CA THR A 83 5.23 1.21 -5.99
C THR A 83 6.35 1.09 -6.99
N GLY A 84 7.50 1.69 -6.72
CA GLY A 84 8.66 1.48 -7.58
C GLY A 84 9.06 -0.02 -7.69
N VAL A 85 9.11 -0.67 -6.54
CA VAL A 85 9.48 -2.07 -6.46
C VAL A 85 8.56 -2.88 -7.30
N SER A 86 7.23 -2.71 -7.13
CA SER A 86 6.30 -3.56 -7.86
C SER A 86 6.37 -3.26 -9.39
N LEU A 87 6.48 -1.95 -9.76
CA LEU A 87 6.59 -1.63 -11.18
C LEU A 87 7.87 -2.21 -11.79
N ALA A 88 8.97 -2.13 -11.04
CA ALA A 88 10.23 -2.68 -11.58
C ALA A 88 10.14 -4.24 -11.71
N HIS A 89 9.48 -4.92 -10.73
CA HIS A 89 9.39 -6.36 -10.77
C HIS A 89 8.57 -6.78 -11.95
N LEU A 90 7.38 -6.22 -12.09
CA LEU A 90 6.48 -6.71 -13.20
C LEU A 90 6.93 -6.15 -14.55
N GLY A 91 7.64 -5.01 -14.58
CA GLY A 91 8.03 -4.55 -15.92
C GLY A 91 9.11 -5.47 -16.47
N ALA A 92 9.94 -6.03 -15.62
CA ALA A 92 11.05 -6.89 -16.03
C ALA A 92 10.49 -8.09 -16.77
N ILE A 93 9.51 -8.71 -16.16
CA ILE A 93 8.95 -9.95 -16.66
C ILE A 93 8.30 -9.68 -17.99
N ARG A 94 7.52 -8.56 -18.07
CA ARG A 94 6.64 -8.24 -19.17
C ARG A 94 7.14 -7.49 -20.32
N GLY A 95 8.44 -7.27 -20.34
CA GLY A 95 9.12 -6.63 -21.44
C GLY A 95 8.94 -5.12 -21.51
N TYR A 96 8.96 -4.44 -20.34
CA TYR A 96 8.91 -2.98 -20.40
C TYR A 96 10.13 -2.42 -19.73
N LYS A 97 10.77 -1.39 -20.33
CA LYS A 97 11.79 -0.67 -19.64
C LYS A 97 11.07 0.14 -18.54
N VAL A 98 11.70 0.16 -17.35
CA VAL A 98 11.12 0.93 -16.22
C VAL A 98 12.13 1.94 -15.77
N ILE A 99 11.66 3.18 -15.54
CA ILE A 99 12.57 4.24 -14.99
C ILE A 99 11.91 4.68 -13.69
N ILE A 100 12.68 4.58 -12.58
CA ILE A 100 12.14 5.07 -11.31
C ILE A 100 13.06 6.18 -10.87
N THR A 101 12.48 7.31 -10.49
CA THR A 101 13.33 8.43 -9.96
C THR A 101 13.19 8.53 -8.46
N MET A 102 14.27 8.93 -7.76
CA MET A 102 14.16 9.11 -6.30
C MET A 102 15.38 9.92 -5.90
N PRO A 103 15.31 10.57 -4.75
CA PRO A 103 16.51 11.35 -4.35
C PRO A 103 17.78 10.55 -4.09
N GLU A 104 18.95 11.13 -4.36
CA GLU A 104 20.26 10.44 -4.26
C GLU A 104 20.64 10.00 -2.85
N SER A 105 19.92 10.55 -1.88
CA SER A 105 20.18 10.32 -0.44
C SER A 105 19.43 9.12 0.03
N MET A 106 18.62 8.55 -0.84
CA MET A 106 17.97 7.24 -0.47
C MET A 106 18.98 6.09 -0.22
N SER A 107 18.58 5.12 0.61
CA SER A 107 19.46 4.03 1.05
C SER A 107 19.87 3.12 -0.08
N LEU A 108 20.97 2.39 0.13
CA LEU A 108 21.41 1.51 -0.89
C LEU A 108 20.33 0.43 -1.15
N GLU A 109 19.66 -0.02 -0.10
CA GLU A 109 18.66 -1.11 -0.20
C GLU A 109 17.56 -0.74 -1.18
N ARG A 110 17.13 0.53 -1.10
CA ARG A 110 16.04 0.97 -2.04
C ARG A 110 16.51 0.93 -3.53
N ARG A 111 17.72 1.47 -3.80
CA ARG A 111 18.22 1.49 -5.15
C ARG A 111 18.52 0.13 -5.61
N CYS A 112 19.15 -0.65 -4.74
CA CYS A 112 19.58 -2.03 -5.11
C CYS A 112 18.43 -2.95 -5.50
N LEU A 113 17.34 -2.88 -4.77
CA LEU A 113 16.20 -3.80 -5.06
C LEU A 113 15.68 -3.52 -6.48
N LEU A 114 15.56 -2.21 -6.81
CA LEU A 114 15.07 -1.89 -8.15
C LEU A 114 16.05 -2.31 -9.23
N ARG A 115 17.36 -2.15 -8.98
CA ARG A 115 18.34 -2.52 -10.02
C ARG A 115 18.44 -4.03 -10.22
N ILE A 116 18.16 -4.76 -9.14
CA ILE A 116 18.06 -6.22 -9.31
C ILE A 116 17.05 -6.59 -10.36
N PHE A 117 15.88 -5.90 -10.46
CA PHE A 117 14.92 -6.24 -11.50
C PHE A 117 15.14 -5.47 -12.80
N GLY A 118 16.28 -4.74 -12.86
CA GLY A 118 16.73 -4.22 -14.13
C GLY A 118 16.14 -2.87 -14.44
N ALA A 119 15.47 -2.27 -13.48
CA ALA A 119 14.95 -0.90 -13.70
C ALA A 119 16.12 0.11 -13.78
N GLU A 120 15.91 1.18 -14.54
CA GLU A 120 16.85 2.33 -14.50
C GLU A 120 16.45 3.19 -13.33
N VAL A 121 17.38 3.37 -12.39
CA VAL A 121 17.10 4.30 -11.29
C VAL A 121 17.80 5.61 -11.55
N ILE A 122 17.05 6.70 -11.55
CA ILE A 122 17.62 8.02 -11.74
C ILE A 122 17.58 8.71 -10.40
N LEU A 123 18.75 9.11 -9.91
CA LEU A 123 18.87 9.68 -8.58
C LEU A 123 18.92 11.21 -8.78
N THR A 124 18.06 11.91 -8.08
CA THR A 124 17.92 13.39 -8.25
C THR A 124 18.56 14.04 -7.02
N PRO A 125 18.95 15.30 -7.20
CA PRO A 125 19.69 15.98 -6.11
C PRO A 125 19.04 15.93 -4.73
N ALA A 126 19.84 15.52 -3.74
CA ALA A 126 19.34 15.35 -2.42
C ALA A 126 18.61 16.56 -1.82
N ALA A 127 19.14 17.77 -2.06
CA ALA A 127 18.54 18.99 -1.56
C ALA A 127 17.17 19.32 -2.17
N LEU A 128 16.84 18.72 -3.32
CA LEU A 128 15.50 18.95 -3.90
C LEU A 128 14.44 18.00 -3.38
N GLY A 129 14.87 16.99 -2.62
CA GLY A 129 13.85 16.10 -1.98
C GLY A 129 13.00 15.34 -3.03
N MET A 130 11.93 14.78 -2.51
CA MET A 130 10.95 14.09 -3.36
C MET A 130 10.44 14.99 -4.46
N LYS A 131 10.31 16.30 -4.24
CA LYS A 131 9.81 17.13 -5.38
C LYS A 131 10.74 17.09 -6.57
N GLY A 132 12.04 16.97 -6.35
CA GLY A 132 13.00 16.96 -7.44
C GLY A 132 12.79 15.63 -8.21
N ALA A 133 12.52 14.53 -7.45
CA ALA A 133 12.34 13.27 -8.18
C ALA A 133 11.03 13.34 -8.99
N VAL A 134 10.02 13.91 -8.38
CA VAL A 134 8.71 14.04 -9.13
C VAL A 134 8.94 14.87 -10.35
N ALA A 135 9.67 15.97 -10.22
CA ALA A 135 9.87 16.84 -11.38
C ALA A 135 10.64 16.11 -12.50
N MET A 136 11.63 15.26 -12.15
CA MET A 136 12.40 14.55 -13.13
C MET A 136 11.50 13.55 -13.86
N ALA A 137 10.61 12.84 -13.14
CA ALA A 137 9.76 11.83 -13.81
C ALA A 137 8.84 12.58 -14.82
N LYS A 138 8.32 13.73 -14.42
CA LYS A 138 7.43 14.50 -15.32
C LYS A 138 8.19 14.96 -16.57
N LYS A 139 9.47 15.33 -16.41
CA LYS A 139 10.29 15.83 -17.50
C LYS A 139 10.55 14.74 -18.47
N ILE A 140 10.87 13.54 -17.92
CA ILE A 140 11.03 12.40 -18.82
C ILE A 140 9.81 12.04 -19.66
N VAL A 141 8.64 12.05 -19.02
CA VAL A 141 7.39 11.71 -19.71
C VAL A 141 7.07 12.84 -20.67
N ALA A 142 7.38 14.10 -20.34
CA ALA A 142 7.03 15.20 -21.29
C ALA A 142 7.94 15.08 -22.54
N ALA A 143 9.17 14.68 -22.37
CA ALA A 143 10.15 14.74 -23.47
C ALA A 143 10.09 13.58 -24.41
N ASN A 144 9.54 12.45 -23.98
CA ASN A 144 9.66 11.21 -24.73
C ASN A 144 8.32 10.65 -25.04
N PRO A 145 7.95 10.51 -26.31
CA PRO A 145 6.63 10.06 -26.70
C PRO A 145 6.29 8.62 -26.21
N ASN A 146 7.32 7.80 -26.05
CA ASN A 146 7.09 6.41 -25.60
C ASN A 146 7.00 6.30 -24.05
N ALA A 147 7.42 7.35 -23.34
CA ALA A 147 7.37 7.36 -21.84
C ALA A 147 6.03 7.73 -21.32
N VAL A 148 5.51 6.91 -20.35
CA VAL A 148 4.27 7.19 -19.74
C VAL A 148 4.42 7.10 -18.21
N LEU A 149 3.76 8.02 -17.53
CA LEU A 149 3.78 7.97 -16.09
C LEU A 149 2.86 6.88 -15.54
N ALA A 150 3.35 6.12 -14.53
CA ALA A 150 2.50 5.12 -13.91
C ALA A 150 1.33 5.80 -13.23
N ASP A 151 1.61 6.99 -12.69
CA ASP A 151 0.56 7.90 -12.19
C ASP A 151 -0.20 7.32 -11.00
N GLN A 152 0.56 6.80 -10.00
CA GLN A 152 -0.09 6.03 -8.92
C GLN A 152 -1.19 6.78 -8.13
N PHE A 153 -1.05 8.13 -8.00
CA PHE A 153 -1.97 8.88 -7.17
C PHE A 153 -3.20 9.26 -7.92
N ALA A 154 -3.23 8.95 -9.23
CA ALA A 154 -4.41 9.36 -10.01
C ALA A 154 -4.98 8.36 -10.93
N THR A 155 -4.24 7.28 -11.16
CA THR A 155 -4.73 6.30 -12.12
C THR A 155 -6.07 5.69 -11.76
N LYS A 156 -6.97 5.57 -12.75
CA LYS A 156 -8.25 4.91 -12.45
C LYS A 156 -8.06 3.40 -12.13
N TYR A 157 -6.90 2.85 -12.48
CA TYR A 157 -6.71 1.37 -12.32
C TYR A 157 -6.57 1.04 -10.82
N ASN A 158 -6.32 2.05 -9.95
CA ASN A 158 -5.86 1.73 -8.55
C ASN A 158 -7.04 1.37 -7.69
N ALA A 159 -8.04 2.25 -7.56
CA ALA A 159 -9.25 1.89 -6.83
C ALA A 159 -9.94 0.72 -7.49
N LEU A 160 -9.86 0.62 -8.84
CA LEU A 160 -10.60 -0.48 -9.45
C LEU A 160 -10.08 -1.86 -9.02
N ILE A 161 -8.77 -2.03 -9.07
CA ILE A 161 -8.24 -3.40 -8.73
C ILE A 161 -8.65 -3.79 -7.30
N HIS A 162 -8.67 -2.80 -6.38
CA HIS A 162 -9.09 -3.15 -5.04
C HIS A 162 -10.57 -3.44 -4.89
N GLU A 163 -11.41 -2.84 -5.76
CA GLU A 163 -12.85 -3.11 -5.80
C GLU A 163 -13.07 -4.54 -6.40
N GLU A 164 -12.24 -4.91 -7.35
CA GLU A 164 -12.43 -6.22 -8.08
C GLU A 164 -11.82 -7.37 -7.31
N THR A 165 -10.78 -7.12 -6.46
CA THR A 165 -10.04 -8.25 -5.80
C THR A 165 -9.94 -8.15 -4.28
N THR A 166 -9.33 -7.11 -3.76
CA THR A 166 -9.13 -7.00 -2.33
C THR A 166 -10.43 -7.05 -1.53
N GLY A 167 -11.38 -6.23 -1.97
CA GLY A 167 -12.64 -6.13 -1.28
C GLY A 167 -13.45 -7.43 -1.34
N PRO A 168 -13.68 -7.99 -2.53
CA PRO A 168 -14.38 -9.30 -2.58
C PRO A 168 -13.67 -10.37 -1.81
N GLU A 169 -12.30 -10.36 -1.79
CA GLU A 169 -11.63 -11.38 -0.90
C GLU A 169 -12.01 -11.19 0.57
N ILE A 170 -11.95 -9.96 1.09
CA ILE A 170 -12.29 -9.69 2.45
C ILE A 170 -13.76 -10.13 2.76
N TRP A 171 -14.63 -9.82 1.82
CA TRP A 171 -16.03 -10.17 1.94
C TRP A 171 -16.18 -11.71 2.07
N GLU A 172 -15.46 -12.50 1.25
CA GLU A 172 -15.51 -13.94 1.36
C GLU A 172 -14.88 -14.40 2.63
N GLN A 173 -13.70 -13.87 2.93
CA GLN A 173 -13.07 -14.35 4.15
C GLN A 173 -13.75 -14.10 5.47
N THR A 174 -14.44 -12.99 5.55
CA THR A 174 -15.17 -12.59 6.78
C THR A 174 -16.61 -13.16 6.77
N ASN A 175 -16.94 -13.97 5.80
CA ASN A 175 -18.32 -14.54 5.72
C ASN A 175 -19.33 -13.41 5.73
N HIS A 176 -19.03 -12.40 4.91
CA HIS A 176 -19.98 -11.36 4.55
C HIS A 176 -20.38 -10.62 5.77
N ASN A 177 -19.43 -10.36 6.66
CA ASN A 177 -19.67 -9.73 7.92
C ASN A 177 -18.53 -8.77 8.30
N VAL A 178 -18.67 -7.49 7.92
CA VAL A 178 -17.67 -6.39 8.22
C VAL A 178 -18.37 -5.19 8.86
N ASP A 179 -18.02 -4.84 10.07
CA ASP A 179 -18.60 -3.64 10.72
C ASP A 179 -17.76 -2.41 10.54
N CYS A 180 -16.44 -2.57 10.28
CA CYS A 180 -15.61 -1.41 10.13
C CYS A 180 -14.44 -1.89 9.24
N PHE A 181 -14.06 -1.05 8.28
CA PHE A 181 -12.84 -1.29 7.46
C PHE A 181 -11.97 -0.08 7.69
N ILE A 182 -10.74 -0.30 8.11
CA ILE A 182 -9.80 0.77 8.42
C ILE A 182 -8.55 0.63 7.54
N ALA A 183 -8.10 1.73 6.85
CA ALA A 183 -6.81 1.62 6.18
C ALA A 183 -6.15 2.97 6.04
N GLY A 184 -4.84 3.01 6.37
CA GLY A 184 -4.06 4.20 6.01
C GLY A 184 -4.10 4.53 4.53
N VAL A 185 -4.23 5.83 4.23
CA VAL A 185 -4.27 6.28 2.86
C VAL A 185 -2.91 6.73 2.34
N GLY A 186 -2.40 6.02 1.31
CA GLY A 186 -1.19 6.44 0.61
C GLY A 186 -1.65 7.08 -0.67
N THR A 187 -1.93 6.22 -1.65
CA THR A 187 -2.67 6.68 -2.86
C THR A 187 -4.18 6.72 -2.63
N GLY A 188 -4.65 6.02 -1.60
CA GLY A 188 -6.06 5.91 -1.37
C GLY A 188 -6.79 4.75 -2.10
N GLY A 189 -6.06 4.02 -2.92
CA GLY A 189 -6.68 2.95 -3.73
C GLY A 189 -7.30 1.83 -2.85
N THR A 190 -6.53 1.41 -1.86
CA THR A 190 -7.00 0.28 -1.00
C THR A 190 -8.33 0.73 -0.34
N LEU A 191 -8.30 1.87 0.36
CA LEU A 191 -9.57 2.26 1.08
C LEU A 191 -10.73 2.48 0.10
N THR A 192 -10.42 3.13 -1.03
CA THR A 192 -11.53 3.48 -1.97
C THR A 192 -12.18 2.19 -2.56
N GLY A 193 -11.32 1.30 -3.09
CA GLY A 193 -11.77 0.11 -3.86
C GLY A 193 -12.46 -0.83 -2.87
N VAL A 194 -11.91 -1.02 -1.66
CA VAL A 194 -12.58 -1.93 -0.71
C VAL A 194 -13.94 -1.34 -0.24
N ALA A 195 -13.95 -0.01 -0.05
CA ALA A 195 -15.18 0.60 0.44
C ALA A 195 -16.27 0.45 -0.62
N ARG A 196 -15.88 0.62 -1.87
CA ARG A 196 -16.88 0.39 -2.93
C ARG A 196 -17.39 -0.98 -3.03
N ALA A 197 -16.47 -1.95 -2.95
CA ALA A 197 -16.92 -3.31 -2.97
C ALA A 197 -17.90 -3.61 -1.82
N LEU A 198 -17.57 -3.19 -0.61
CA LEU A 198 -18.37 -3.49 0.57
C LEU A 198 -19.75 -2.88 0.43
N LYS A 199 -19.79 -1.65 -0.08
CA LYS A 199 -21.12 -0.97 -0.17
C LYS A 199 -22.01 -1.63 -1.19
N LYS A 200 -21.41 -2.11 -2.28
CA LYS A 200 -22.20 -2.79 -3.34
C LYS A 200 -22.73 -4.13 -2.87
N MET A 201 -22.04 -4.72 -1.88
CA MET A 201 -22.48 -5.99 -1.33
C MET A 201 -23.51 -5.75 -0.27
N GLY A 202 -23.79 -4.50 0.06
CA GLY A 202 -24.84 -4.20 1.05
C GLY A 202 -24.31 -4.07 2.44
N SER A 203 -22.97 -3.97 2.55
CA SER A 203 -22.39 -3.85 3.90
C SER A 203 -22.60 -2.43 4.44
N HIS A 204 -22.95 -2.32 5.71
CA HIS A 204 -23.04 -1.08 6.38
C HIS A 204 -21.75 -0.77 7.17
N ALA A 205 -20.65 -1.42 6.75
CA ALA A 205 -19.39 -1.11 7.43
C ALA A 205 -19.07 0.35 7.44
N ARG A 206 -18.54 0.86 8.57
CA ARG A 206 -17.94 2.20 8.61
C ARG A 206 -16.58 2.16 8.00
N ILE A 207 -16.26 3.20 7.27
CA ILE A 207 -15.00 3.27 6.53
C ILE A 207 -14.15 4.31 7.19
N VAL A 208 -12.93 3.90 7.60
CA VAL A 208 -12.12 4.80 8.37
C VAL A 208 -10.74 4.92 7.69
N ALA A 209 -10.38 6.12 7.33
CA ALA A 209 -9.07 6.48 6.77
C ALA A 209 -8.09 6.82 7.84
N VAL A 210 -6.88 6.29 7.75
CA VAL A 210 -5.86 6.65 8.75
C VAL A 210 -4.81 7.54 8.09
N GLU A 211 -4.38 8.59 8.81
CA GLU A 211 -3.32 9.45 8.28
C GLU A 211 -2.40 9.78 9.44
N PRO A 212 -1.17 10.25 9.16
CA PRO A 212 -0.21 10.60 10.27
C PRO A 212 -0.69 11.85 10.99
N THR A 213 -0.58 11.82 12.30
CA THR A 213 -0.87 13.03 13.11
C THR A 213 0.01 14.19 12.62
N GLU A 214 1.22 13.91 12.15
CA GLU A 214 2.15 14.97 11.73
C GLU A 214 1.89 15.44 10.30
N SER A 215 0.93 14.81 9.58
CA SER A 215 0.58 15.30 8.22
C SER A 215 -0.90 15.10 7.99
N PRO A 216 -1.72 15.81 8.78
CA PRO A 216 -3.18 15.55 8.89
C PRO A 216 -3.95 16.29 7.77
N VAL A 217 -3.64 15.91 6.53
CA VAL A 217 -4.14 16.66 5.40
C VAL A 217 -5.65 16.40 5.23
N LEU A 218 -6.10 15.14 5.29
CA LEU A 218 -7.55 14.85 5.16
C LEU A 218 -8.36 15.54 6.24
N SER A 219 -7.74 15.56 7.42
CA SER A 219 -8.46 16.18 8.56
C SER A 219 -8.64 17.69 8.37
N GLY A 220 -7.72 18.30 7.61
CA GLY A 220 -7.77 19.77 7.38
C GLY A 220 -6.55 20.52 7.77
N GLY A 221 -5.51 19.80 8.21
CA GLY A 221 -4.27 20.42 8.69
C GLY A 221 -3.24 20.53 7.61
N LYS A 222 -2.05 20.96 8.01
CA LYS A 222 -1.02 21.29 7.05
C LYS A 222 -0.22 20.01 6.75
N PRO A 223 0.13 19.81 5.48
CA PRO A 223 1.10 18.74 5.21
C PRO A 223 2.43 18.96 5.95
N GLY A 224 3.14 17.86 6.28
CA GLY A 224 4.48 18.01 6.88
C GLY A 224 5.15 16.66 6.87
N PRO A 225 6.44 16.61 7.20
CA PRO A 225 7.18 15.41 7.16
C PRO A 225 6.78 14.49 8.33
N HIS A 226 6.74 13.18 8.10
CA HIS A 226 6.28 12.26 9.11
C HIS A 226 7.00 10.93 8.89
N LYS A 227 6.88 10.04 9.89
CA LYS A 227 7.61 8.79 9.91
C LYS A 227 6.95 7.61 9.22
N ILE A 228 5.65 7.73 8.95
CA ILE A 228 4.84 6.51 8.61
C ILE A 228 4.95 6.18 7.09
N GLN A 229 6.05 5.48 6.74
CA GLN A 229 6.37 5.25 5.34
C GLN A 229 5.19 4.49 4.67
N GLY A 230 4.71 4.98 3.54
CA GLY A 230 3.64 4.26 2.80
C GLY A 230 2.33 5.02 2.82
N ILE A 231 2.18 5.93 3.81
CA ILE A 231 0.96 6.75 3.82
C ILE A 231 1.31 8.21 3.97
N GLY A 232 0.29 9.02 4.02
CA GLY A 232 0.47 10.48 4.19
C GLY A 232 1.28 11.21 3.08
N PRO A 233 0.72 11.28 1.89
CA PRO A 233 1.41 11.84 0.74
C PRO A 233 1.55 13.37 0.81
N GLY A 234 0.76 14.00 1.67
CA GLY A 234 0.94 15.48 1.83
C GLY A 234 -0.05 16.23 0.99
N PHE A 235 -1.01 15.50 0.40
CA PHE A 235 -2.02 16.08 -0.48
C PHE A 235 -3.15 15.06 -0.58
N VAL A 236 -4.26 15.43 -1.18
CA VAL A 236 -5.35 14.50 -1.34
C VAL A 236 -5.22 13.87 -2.72
N PRO A 237 -4.92 12.57 -2.77
CA PRO A 237 -4.74 11.97 -4.11
C PRO A 237 -6.02 11.86 -4.91
N ASP A 238 -5.94 12.05 -6.23
CA ASP A 238 -7.14 11.92 -7.02
C ASP A 238 -7.81 10.56 -6.98
N VAL A 239 -7.04 9.54 -6.69
CA VAL A 239 -7.61 8.20 -6.50
C VAL A 239 -8.59 8.12 -5.36
N LEU A 240 -8.34 8.87 -4.32
CA LEU A 240 -9.15 8.72 -3.10
C LEU A 240 -10.53 9.33 -3.34
N ASP A 241 -11.55 8.56 -2.99
CA ASP A 241 -12.93 9.10 -3.02
C ASP A 241 -13.35 9.41 -1.58
N ARG A 242 -13.17 10.66 -1.18
CA ARG A 242 -13.40 11.06 0.22
C ARG A 242 -14.82 10.91 0.59
N SER A 243 -15.76 10.83 -0.37
CA SER A 243 -17.18 10.68 -0.02
C SER A 243 -17.57 9.35 0.66
N LEU A 244 -16.66 8.35 0.55
CA LEU A 244 -16.83 7.08 1.07
C LEU A 244 -16.38 6.98 2.54
N ILE A 245 -15.76 8.04 3.08
CA ILE A 245 -15.03 7.89 4.37
C ILE A 245 -16.04 8.34 5.52
N ASP A 246 -16.21 7.50 6.53
CA ASP A 246 -16.96 7.97 7.68
C ASP A 246 -16.11 8.70 8.70
N GLU A 247 -14.79 8.46 8.81
CA GLU A 247 -13.98 9.02 9.86
C GLU A 247 -12.55 9.03 9.41
N VAL A 248 -11.89 10.16 9.62
CA VAL A 248 -10.46 10.18 9.48
C VAL A 248 -9.87 10.09 10.85
N LEU A 249 -9.01 9.06 11.05
CA LEU A 249 -8.40 8.85 12.40
C LEU A 249 -6.90 9.11 12.20
N CYS A 250 -6.33 10.05 12.94
CA CYS A 250 -4.89 10.34 12.89
C CYS A 250 -4.15 9.43 13.87
N VAL A 251 -3.06 8.87 13.40
CA VAL A 251 -2.19 8.07 14.24
C VAL A 251 -0.79 8.68 14.24
N ALA A 252 -0.21 8.83 15.42
CA ALA A 252 1.11 9.36 15.52
C ALA A 252 2.17 8.35 15.09
N GLY A 253 3.18 8.86 14.42
CA GLY A 253 4.33 8.03 13.92
C GLY A 253 4.90 7.19 15.05
N ASP A 254 5.03 7.77 16.25
CA ASP A 254 5.57 6.91 17.31
C ASP A 254 4.68 5.77 17.78
N ASP A 255 3.36 5.93 17.74
CA ASP A 255 2.38 4.85 18.03
C ASP A 255 2.49 3.77 16.95
N ALA A 256 2.61 4.18 15.69
CA ALA A 256 2.81 3.20 14.59
C ALA A 256 4.06 2.35 14.82
N ILE A 257 5.20 3.00 15.13
CA ILE A 257 6.46 2.32 15.38
C ILE A 257 6.32 1.34 16.56
N GLU A 258 5.84 1.81 17.70
CA GLU A 258 5.65 0.95 18.86
C GLU A 258 4.77 -0.25 18.55
N THR A 259 3.71 -0.04 17.78
CA THR A 259 2.78 -1.10 17.51
C THR A 259 3.46 -2.15 16.61
N ALA A 260 4.18 -1.68 15.61
CA ALA A 260 4.87 -2.66 14.72
C ALA A 260 5.75 -3.62 15.55
N LEU A 261 6.49 -3.10 16.50
CA LEU A 261 7.35 -3.98 17.27
C LEU A 261 6.56 -4.83 18.19
N LYS A 262 5.48 -4.32 18.79
CA LYS A 262 4.71 -5.22 19.62
C LYS A 262 4.08 -6.34 18.83
N LEU A 263 3.62 -6.01 17.61
CA LEU A 263 2.94 -7.05 16.77
C LEU A 263 3.83 -8.24 16.46
N THR A 264 5.11 -8.00 16.21
CA THR A 264 6.03 -9.12 15.88
C THR A 264 6.09 -10.06 17.04
N ARG A 265 6.23 -9.50 18.27
CA ARG A 265 6.39 -10.38 19.44
C ARG A 265 5.09 -11.01 19.88
N SER A 266 3.99 -10.29 19.71
CA SER A 266 2.72 -10.81 20.23
C SER A 266 2.03 -11.82 19.30
N ASP A 267 2.03 -11.51 17.98
CA ASP A 267 1.24 -12.26 17.02
C ASP A 267 2.10 -12.80 15.89
N GLY A 268 3.37 -12.40 15.87
CA GLY A 268 4.20 -12.96 14.84
C GLY A 268 3.95 -12.22 13.50
N VAL A 269 3.30 -11.06 13.53
CA VAL A 269 3.07 -10.32 12.24
C VAL A 269 4.19 -9.31 12.13
N PHE A 270 4.94 -9.37 11.00
CA PHE A 270 6.13 -8.60 10.82
C PHE A 270 5.92 -7.67 9.67
N CYS A 271 5.77 -6.38 10.04
CA CYS A 271 5.32 -5.41 9.01
C CYS A 271 6.04 -4.10 9.14
N GLY A 272 5.64 -3.18 8.25
CA GLY A 272 6.28 -1.82 8.22
C GLY A 272 5.53 -0.87 9.12
N PHE A 273 5.87 0.41 8.91
CA PHE A 273 5.33 1.45 9.78
C PHE A 273 3.78 1.46 9.54
N SER A 274 3.23 1.30 8.31
CA SER A 274 1.82 1.54 8.10
C SER A 274 0.97 0.39 8.63
N GLY A 275 1.57 -0.82 8.66
CA GLY A 275 0.87 -1.86 9.32
C GLY A 275 0.74 -1.56 10.86
N GLY A 276 1.79 -1.00 11.44
CA GLY A 276 1.65 -0.62 12.89
C GLY A 276 0.65 0.49 13.01
N ALA A 277 0.60 1.45 12.04
CA ALA A 277 -0.44 2.48 12.21
C ALA A 277 -1.84 1.89 12.07
N ASN A 278 -2.04 1.03 11.10
CA ASN A 278 -3.38 0.49 10.91
C ASN A 278 -3.84 -0.34 12.10
N VAL A 279 -2.94 -1.13 12.67
CA VAL A 279 -3.31 -1.93 13.87
C VAL A 279 -3.54 -1.00 15.06
N TYR A 280 -2.72 0.01 15.25
CA TYR A 280 -2.96 0.97 16.37
C TYR A 280 -4.36 1.59 16.24
N ALA A 281 -4.71 1.98 15.01
CA ALA A 281 -6.05 2.44 14.76
C ALA A 281 -7.16 1.46 14.99
N ALA A 282 -6.98 0.19 14.56
CA ALA A 282 -7.96 -0.83 14.75
C ALA A 282 -8.20 -1.10 16.22
N LEU A 283 -7.11 -1.11 16.99
CA LEU A 283 -7.19 -1.36 18.47
C LEU A 283 -7.91 -0.21 19.16
N LYS A 284 -7.72 1.00 18.64
CA LYS A 284 -8.43 2.21 19.20
C LYS A 284 -9.92 2.08 18.98
N ILE A 285 -10.31 1.74 17.76
CA ILE A 285 -11.73 1.54 17.45
C ILE A 285 -12.24 0.35 18.21
N ALA A 286 -11.38 -0.69 18.36
CA ALA A 286 -11.92 -1.89 19.01
C ALA A 286 -12.18 -1.59 20.52
N GLU A 287 -11.57 -0.58 21.11
CA GLU A 287 -11.74 -0.21 22.52
C GLU A 287 -13.08 0.50 22.73
N ARG A 288 -13.69 0.98 21.63
CA ARG A 288 -14.91 1.77 21.77
C ARG A 288 -15.99 0.78 22.22
N PRO A 289 -16.73 1.10 23.34
CA PRO A 289 -17.72 0.07 23.78
C PRO A 289 -18.74 -0.36 22.74
N GLU A 290 -19.13 0.55 21.84
CA GLU A 290 -20.07 0.15 20.79
C GLU A 290 -19.58 -0.96 19.84
N MET A 291 -18.27 -1.22 19.83
CA MET A 291 -17.75 -2.21 18.90
C MET A 291 -17.69 -3.60 19.53
N GLU A 292 -18.26 -3.78 20.73
CA GLU A 292 -18.31 -5.16 21.26
C GLU A 292 -18.99 -6.23 20.35
N GLY A 293 -18.28 -7.33 20.05
CA GLY A 293 -18.71 -8.43 19.25
C GLY A 293 -18.75 -8.12 17.75
N LYS A 294 -18.21 -6.95 17.42
CA LYS A 294 -18.22 -6.51 16.02
C LYS A 294 -16.86 -6.95 15.34
N THR A 295 -16.87 -6.92 14.02
CA THR A 295 -15.68 -7.31 13.19
C THR A 295 -15.11 -6.04 12.60
N ILE A 296 -13.83 -5.77 12.93
CA ILE A 296 -13.12 -4.62 12.36
C ILE A 296 -12.06 -5.30 11.45
N VAL A 297 -11.97 -4.86 10.22
CA VAL A 297 -10.94 -5.40 9.28
C VAL A 297 -9.98 -4.28 8.94
N THR A 298 -8.69 -4.62 8.98
CA THR A 298 -7.70 -3.63 8.56
C THR A 298 -6.68 -4.33 7.71
N VAL A 299 -5.60 -3.61 7.30
CA VAL A 299 -4.65 -4.16 6.33
C VAL A 299 -3.26 -4.11 6.89
N ILE A 300 -2.50 -5.18 6.59
CA ILE A 300 -1.06 -5.14 6.89
C ILE A 300 -0.45 -4.92 5.47
N PRO A 301 -0.07 -3.66 5.13
CA PRO A 301 0.32 -3.40 3.76
C PRO A 301 1.61 -3.97 3.26
N SER A 302 2.61 -4.18 4.13
CA SER A 302 3.91 -4.59 3.64
C SER A 302 4.63 -5.39 4.71
N PHE A 303 5.46 -6.33 4.26
CA PHE A 303 6.27 -7.16 5.13
C PHE A 303 7.45 -6.39 5.70
N GLY A 304 7.79 -6.75 6.92
CA GLY A 304 8.80 -6.04 7.70
C GLY A 304 10.22 -6.08 7.24
N GLU A 305 10.60 -7.11 6.45
CA GLU A 305 12.03 -7.29 6.16
C GLU A 305 12.59 -6.10 5.39
N ARG A 306 11.77 -5.44 4.59
CA ARG A 306 12.19 -4.23 3.84
C ARG A 306 12.45 -3.05 4.69
N TYR A 307 12.12 -3.13 5.95
CA TYR A 307 12.34 -2.02 6.87
C TYR A 307 13.53 -2.21 7.82
N LEU A 308 14.32 -3.28 7.70
CA LEU A 308 15.37 -3.56 8.69
C LEU A 308 16.33 -2.43 8.72
N SER A 309 16.57 -1.84 7.57
CA SER A 309 17.59 -0.76 7.50
C SER A 309 17.03 0.61 7.93
N THR A 310 15.73 0.71 8.19
CA THR A 310 15.10 1.97 8.46
C THR A 310 15.09 2.22 9.95
N THR A 311 14.54 3.36 10.31
CA THR A 311 14.26 3.77 11.64
C THR A 311 13.39 2.77 12.41
N LEU A 312 12.58 1.96 11.71
CA LEU A 312 11.44 1.33 12.36
C LEU A 312 11.86 0.45 13.48
N TYR A 313 12.96 -0.31 13.33
CA TYR A 313 13.35 -1.28 14.30
C TYR A 313 14.66 -0.85 14.99
N ARG A 314 14.94 0.43 14.93
CA ARG A 314 16.19 0.99 15.54
C ARG A 314 16.24 0.72 17.04
N SER A 315 15.08 0.69 17.71
CA SER A 315 15.11 0.43 19.13
C SER A 315 15.70 -0.91 19.54
N VAL A 316 15.54 -1.91 18.66
CA VAL A 316 15.93 -3.29 18.98
C VAL A 316 17.40 -3.36 19.45
N ARG A 317 18.25 -2.56 18.81
CA ARG A 317 19.67 -2.41 19.18
C ARG A 317 19.97 -2.22 20.66
N ASP A 318 19.33 -1.25 21.28
CA ASP A 318 19.72 -0.90 22.66
C ASP A 318 18.88 -1.57 23.74
N GLU A 319 17.93 -2.42 23.32
CA GLU A 319 17.01 -3.10 24.24
C GLU A 319 17.74 -3.89 25.34
N ASP B 4 6.90 9.71 5.17
CA ASP B 4 7.98 9.98 4.21
C ASP B 4 8.97 8.81 3.99
N GLY B 5 9.65 8.72 2.83
CA GLY B 5 10.08 9.85 1.90
C GLY B 5 8.99 10.57 1.09
N SER B 6 8.82 10.33 -0.20
CA SER B 6 7.41 10.22 -0.59
C SER B 6 7.03 8.89 0.12
N GLY B 7 7.91 7.86 0.05
CA GLY B 7 7.77 6.65 0.87
C GLY B 7 6.72 5.69 0.35
N ILE B 8 6.27 5.92 -0.89
CA ILE B 8 5.01 5.31 -1.39
C ILE B 8 5.27 4.76 -2.83
#